data_8HIG
#
_entry.id   8HIG
#
_cell.length_a   46.279
_cell.length_b   46.279
_cell.length_c   366.859
_cell.angle_alpha   90.000
_cell.angle_beta   90.000
_cell.angle_gamma   120.000
#
_symmetry.space_group_name_H-M   'P 31 2 1'
#
loop_
_entity.id
_entity.type
_entity.pdbx_description
1 polymer 'DNA-binding response OmpR family regulator'
2 polymer "DNA (5'-D(*AP*CP*GP*TP*AP*AP*CP*AP*TP*CP*GP*CP*GP*GP*TP*AP*AP*CP*AP*C)-3')"
3 polymer "DNA (5'-D(*GP*TP*GP*TP*TP*AP*CP*CP*GP*CP*GP*AP*TP*GP*TP*TP*AP*CP*GP*T)-3')"
4 water water
#
loop_
_entity_poly.entity_id
_entity_poly.type
_entity_poly.pdbx_seq_one_letter_code
_entity_poly.pdbx_strand_id
1 'polypeptide(L)'
;MSSELLLLTSDRDCEAVLPALGLLPHRVRVLPPEPGAILSAGTHDVVLVDARTDLAGARDLCRVLAVGDAPVLAVVNEGG
LVTVSAEWGVDDILLPTAGPAEIDARLRLLTTRRGADAGEGDGMLTVGDLVIEESTYTARLKGRALELTYKEFELLKYLA
QHAGRVFTRAQLLQEVWGYDFFGGTRTVDVHVRRLRAKLGPEYDSMIGTVRNVGYKFVRPSRSSQPASPIVAEERQDAAT
QADAPAQRSAESAVVR
;
A,B
2 'polydeoxyribonucleotide' (DA)(DC)(DG)(DT)(DA)(DA)(DC)(DA)(DT)(DC)(DG)(DC)(DG)(DG)(DT)(DA)(DA)(DC)(DA)(DC) D
3 'polydeoxyribonucleotide' (DG)(DT)(DG)(DT)(DT)(DA)(DC)(DC)(DG)(DC)(DG)(DA)(DT)(DG)(DT)(DT)(DA)(DC)(DG)(DT) C
#
loop_
_chem_comp.id
_chem_comp.type
_chem_comp.name
_chem_comp.formula
DA DNA linking 2'-DEOXYADENOSINE-5'-MONOPHOSPHATE 'C10 H14 N5 O6 P'
DC DNA linking 2'-DEOXYCYTIDINE-5'-MONOPHOSPHATE 'C9 H14 N3 O7 P'
DG DNA linking 2'-DEOXYGUANOSINE-5'-MONOPHOSPHATE 'C10 H14 N5 O7 P'
DT DNA linking THYMIDINE-5'-MONOPHOSPHATE 'C10 H15 N2 O8 P'
#
# COMPACT_ATOMS: atom_id res chain seq x y z
N GLY A 121 6.72 12.40 -7.12
CA GLY A 121 6.25 11.57 -8.21
C GLY A 121 7.20 10.45 -8.48
N ASP A 122 6.84 9.25 -8.06
CA ASP A 122 7.70 8.10 -8.18
C ASP A 122 7.08 7.07 -9.09
N GLY A 123 5.90 6.62 -8.69
CA GLY A 123 4.97 5.82 -9.48
C GLY A 123 3.54 6.32 -9.43
N MET A 124 3.37 7.56 -8.99
CA MET A 124 2.06 8.17 -8.85
C MET A 124 1.30 8.36 -10.17
N LEU A 125 0.00 8.15 -10.14
CA LEU A 125 -0.86 8.30 -11.32
C LEU A 125 -2.12 9.12 -11.01
N THR A 126 -2.61 9.90 -11.95
CA THR A 126 -3.82 10.68 -11.71
C THR A 126 -4.83 10.61 -12.84
N VAL A 127 -6.07 10.28 -12.51
CA VAL A 127 -7.12 10.28 -13.54
C VAL A 127 -8.37 10.92 -12.95
N GLY A 128 -8.77 12.08 -13.50
CA GLY A 128 -9.86 12.82 -12.92
C GLY A 128 -9.56 13.06 -11.45
N ASP A 129 -10.52 12.74 -10.58
CA ASP A 129 -10.29 12.86 -9.15
C ASP A 129 -9.60 11.64 -8.54
N LEU A 130 -9.39 10.57 -9.30
CA LEU A 130 -8.74 9.38 -8.75
C LEU A 130 -7.23 9.54 -8.85
N VAL A 131 -6.55 9.45 -7.70
CA VAL A 131 -5.10 9.40 -7.62
C VAL A 131 -4.69 8.06 -7.01
N ILE A 132 -3.71 7.40 -7.63
CA ILE A 132 -3.31 6.03 -7.29
C ILE A 132 -1.80 6.05 -7.06
N GLU A 133 -1.40 6.18 -5.79
CA GLU A 133 0.01 6.37 -5.45
C GLU A 133 0.63 5.05 -5.00
N GLU A 134 1.30 4.37 -5.93
CA GLU A 134 1.94 3.08 -5.66
C GLU A 134 2.93 3.15 -4.51
N SER A 135 3.66 4.26 -4.40
CA SER A 135 4.69 4.49 -3.40
C SER A 135 4.16 4.20 -2.01
N THR A 136 3.24 5.05 -1.57
CA THR A 136 2.53 4.91 -0.31
C THR A 136 1.42 3.85 -0.37
N TYR A 137 1.22 3.23 -1.53
CA TYR A 137 0.23 2.18 -1.75
C TYR A 137 -1.18 2.62 -1.34
N THR A 138 -1.54 3.86 -1.67
CA THR A 138 -2.86 4.39 -1.37
C THR A 138 -3.58 4.81 -2.66
N ALA A 139 -4.90 4.81 -2.61
CA ALA A 139 -5.75 5.30 -3.69
C ALA A 139 -6.76 6.26 -3.08
N ARG A 140 -6.88 7.44 -3.67
CA ARG A 140 -7.71 8.50 -3.13
C ARG A 140 -8.74 8.94 -4.18
N LEU A 141 -9.70 9.74 -3.72
CA LEU A 141 -10.79 10.24 -4.56
C LEU A 141 -11.11 11.64 -4.04
N LYS A 142 -10.35 12.60 -4.50
CA LYS A 142 -10.45 13.96 -4.12
C LYS A 142 -10.41 14.00 -2.66
N GLY A 143 -9.43 13.37 -2.08
CA GLY A 143 -9.21 13.29 -0.65
C GLY A 143 -9.79 12.11 0.14
N ARG A 144 -10.79 11.45 -0.37
CA ARG A 144 -11.37 10.31 0.28
C ARG A 144 -10.59 9.08 -0.05
N ALA A 145 -9.97 8.54 0.97
CA ALA A 145 -9.19 7.39 0.84
C ALA A 145 -10.05 6.20 0.52
N LEU A 146 -9.54 5.30 -0.27
CA LEU A 146 -10.20 4.11 -0.65
C LEU A 146 -9.60 3.04 0.20
N GLU A 147 -10.39 2.19 0.83
CA GLU A 147 -9.93 1.05 1.52
C GLU A 147 -9.98 -0.16 0.65
N LEU A 148 -9.09 -0.26 -0.27
CA LEU A 148 -9.19 -1.34 -1.24
C LEU A 148 -8.41 -2.55 -0.78
N THR A 149 -8.94 -3.74 -1.07
CA THR A 149 -8.12 -4.91 -0.85
C THR A 149 -6.94 -4.87 -1.79
N TYR A 150 -6.07 -5.87 -1.67
CA TYR A 150 -4.90 -5.94 -2.51
C TYR A 150 -5.29 -6.12 -3.97
N LYS A 151 -6.09 -7.13 -4.28
CA LYS A 151 -6.46 -7.36 -5.68
C LYS A 151 -7.36 -6.27 -6.22
N GLU A 152 -8.17 -5.65 -5.36
CA GLU A 152 -8.97 -4.51 -5.81
C GLU A 152 -8.08 -3.35 -6.20
N PHE A 153 -6.96 -3.19 -5.51
CA PHE A 153 -6.01 -2.12 -5.82
C PHE A 153 -5.19 -2.44 -7.05
N GLU A 154 -4.72 -3.69 -7.18
CA GLU A 154 -4.01 -4.06 -8.39
C GLU A 154 -4.93 -4.03 -9.60
N LEU A 155 -6.20 -4.34 -9.43
CA LEU A 155 -7.11 -4.29 -10.56
C LEU A 155 -7.39 -2.85 -10.97
N LEU A 156 -7.76 -1.99 -10.01
CA LEU A 156 -8.01 -0.59 -10.33
C LEU A 156 -6.76 0.06 -10.94
N LYS A 157 -5.58 -0.30 -10.40
CA LYS A 157 -4.32 0.30 -10.85
C LYS A 157 -4.05 -0.06 -12.30
N TYR A 158 -4.06 -1.35 -12.60
CA TYR A 158 -3.80 -1.79 -13.97
C TYR A 158 -4.77 -1.12 -14.94
N LEU A 159 -6.07 -1.12 -14.61
CA LEU A 159 -7.06 -0.55 -15.52
C LEU A 159 -6.82 0.95 -15.74
N ALA A 160 -6.44 1.69 -14.68
CA ALA A 160 -6.23 3.12 -14.87
C ALA A 160 -4.91 3.41 -15.57
N GLN A 161 -3.89 2.60 -15.31
CA GLN A 161 -2.66 2.62 -16.10
C GLN A 161 -2.88 2.36 -17.59
N HIS A 162 -4.12 2.16 -18.01
CA HIS A 162 -4.39 1.85 -19.40
C HIS A 162 -5.79 2.34 -19.75
N ALA A 163 -6.09 3.58 -19.39
CA ALA A 163 -7.44 4.10 -19.56
C ALA A 163 -7.91 3.88 -20.98
N GLY A 164 -9.22 3.67 -21.13
CA GLY A 164 -9.84 3.55 -22.42
C GLY A 164 -9.69 2.20 -23.09
N ARG A 165 -8.71 1.39 -22.70
CA ARG A 165 -8.49 0.11 -23.35
C ARG A 165 -9.32 -0.96 -22.66
N VAL A 166 -10.18 -1.62 -23.39
CA VAL A 166 -10.93 -2.72 -22.83
C VAL A 166 -10.01 -3.94 -22.73
N PHE A 167 -10.07 -4.62 -21.60
CA PHE A 167 -9.32 -5.85 -21.39
C PHE A 167 -10.30 -6.98 -21.16
N THR A 168 -9.83 -8.19 -21.42
CA THR A 168 -10.63 -9.39 -21.20
C THR A 168 -10.24 -10.02 -19.87
N ARG A 169 -11.10 -10.94 -19.41
CA ARG A 169 -10.88 -11.58 -18.12
C ARG A 169 -9.62 -12.44 -18.13
N ALA A 170 -9.40 -13.19 -19.21
CA ALA A 170 -8.17 -13.97 -19.33
C ALA A 170 -6.94 -13.07 -19.39
N GLN A 171 -7.08 -11.87 -19.95
CA GLN A 171 -6.01 -10.88 -19.91
C GLN A 171 -5.81 -10.36 -18.49
N LEU A 172 -6.88 -9.88 -17.86
CA LEU A 172 -6.79 -9.32 -16.51
C LEU A 172 -6.36 -10.37 -15.50
N LEU A 173 -6.77 -11.63 -15.69
CA LEU A 173 -6.29 -12.69 -14.81
C LEU A 173 -4.79 -12.89 -14.97
N GLN A 174 -4.31 -13.01 -16.20
CA GLN A 174 -2.88 -13.21 -16.40
C GLN A 174 -2.08 -12.05 -15.84
N GLU A 175 -2.50 -10.80 -16.10
CA GLU A 175 -1.71 -9.66 -15.68
C GLU A 175 -1.82 -9.40 -14.18
N VAL A 176 -3.04 -9.34 -13.64
CA VAL A 176 -3.20 -8.96 -12.23
C VAL A 176 -3.16 -10.15 -11.30
N TRP A 177 -3.83 -11.25 -11.67
CA TRP A 177 -3.76 -12.43 -10.82
C TRP A 177 -2.45 -13.17 -11.03
N GLY A 178 -2.11 -13.49 -12.27
CA GLY A 178 -0.85 -14.12 -12.56
C GLY A 178 -1.04 -15.53 -13.10
N TYR A 179 -0.09 -15.95 -13.95
CA TYR A 179 -0.02 -17.33 -14.46
C TYR A 179 0.32 -18.32 -13.35
N GLY A 183 -12.67 -21.88 -15.95
CA GLY A 183 -12.57 -21.86 -14.51
C GLY A 183 -13.23 -20.65 -13.86
N GLY A 184 -12.65 -20.18 -12.76
CA GLY A 184 -13.31 -19.20 -11.91
C GLY A 184 -13.10 -17.76 -12.32
N THR A 185 -13.58 -17.39 -13.52
CA THR A 185 -13.31 -16.08 -14.10
C THR A 185 -14.26 -14.99 -13.59
N ARG A 186 -15.32 -15.36 -12.84
CA ARG A 186 -16.20 -14.36 -12.27
C ARG A 186 -15.60 -13.67 -11.04
N THR A 187 -14.36 -14.02 -10.68
CA THR A 187 -13.65 -13.23 -9.68
C THR A 187 -13.42 -11.82 -10.15
N VAL A 188 -13.07 -11.64 -11.42
CA VAL A 188 -12.95 -10.28 -11.95
C VAL A 188 -14.25 -9.53 -11.75
N ASP A 189 -15.38 -10.15 -12.13
CA ASP A 189 -16.68 -9.49 -12.04
C ASP A 189 -16.99 -9.08 -10.61
N VAL A 190 -16.69 -9.97 -9.66
CA VAL A 190 -16.88 -9.67 -8.24
C VAL A 190 -15.99 -8.51 -7.83
N HIS A 191 -14.69 -8.64 -8.08
CA HIS A 191 -13.76 -7.54 -7.80
C HIS A 191 -14.18 -6.25 -8.51
N VAL A 192 -14.70 -6.35 -9.73
CA VAL A 192 -15.20 -5.15 -10.39
C VAL A 192 -16.35 -4.57 -9.56
N ARG A 193 -17.22 -5.44 -9.03
CA ARG A 193 -18.36 -4.94 -8.27
C ARG A 193 -17.92 -4.38 -6.92
N ARG A 194 -16.98 -5.07 -6.27
CA ARG A 194 -16.47 -4.53 -5.01
C ARG A 194 -15.85 -3.15 -5.25
N LEU A 195 -15.07 -3.02 -6.33
CA LEU A 195 -14.47 -1.74 -6.72
C LEU A 195 -15.54 -0.67 -6.92
N ARG A 196 -16.49 -0.93 -7.84
CA ARG A 196 -17.53 0.03 -8.13
C ARG A 196 -18.26 0.45 -6.86
N ALA A 197 -18.55 -0.54 -6.00
CA ALA A 197 -19.23 -0.30 -4.73
C ALA A 197 -18.49 0.73 -3.88
N LYS A 198 -17.19 0.54 -3.68
CA LYS A 198 -16.39 1.47 -2.87
C LYS A 198 -16.21 2.82 -3.56
N LEU A 199 -16.22 2.84 -4.90
CA LEU A 199 -16.09 4.12 -5.60
C LEU A 199 -17.31 5.00 -5.36
N GLY A 200 -18.49 4.39 -5.37
CA GLY A 200 -19.69 5.11 -5.04
C GLY A 200 -20.40 5.50 -6.30
N PRO A 201 -21.59 6.06 -6.16
CA PRO A 201 -22.34 6.46 -7.36
C PRO A 201 -21.69 7.61 -8.11
N GLU A 202 -20.97 8.52 -7.43
CA GLU A 202 -20.34 9.66 -8.13
C GLU A 202 -19.18 9.22 -9.01
N TYR A 203 -18.61 8.04 -8.75
CA TYR A 203 -17.49 7.52 -9.50
C TYR A 203 -17.71 6.09 -9.94
N ASP A 204 -18.93 5.58 -9.77
CA ASP A 204 -19.33 4.28 -10.30
C ASP A 204 -18.79 4.03 -11.71
N SER A 205 -19.02 4.98 -12.62
CA SER A 205 -18.81 4.81 -14.05
C SER A 205 -17.35 4.77 -14.48
N MET A 206 -16.39 4.93 -13.55
CA MET A 206 -14.99 4.85 -13.93
C MET A 206 -14.59 3.46 -14.38
N ILE A 207 -15.41 2.45 -14.12
CA ILE A 207 -15.17 1.11 -14.63
C ILE A 207 -16.38 0.76 -15.46
N GLY A 208 -16.21 0.82 -16.80
CA GLY A 208 -17.26 0.45 -17.72
C GLY A 208 -17.14 -0.99 -18.16
N THR A 209 -18.27 -1.54 -18.56
CA THR A 209 -18.38 -2.93 -18.98
C THR A 209 -18.61 -2.97 -20.48
N VAL A 210 -18.00 -3.95 -21.15
CA VAL A 210 -18.19 -4.13 -22.58
C VAL A 210 -18.73 -5.54 -22.74
N ARG A 211 -20.04 -5.65 -22.97
CA ARG A 211 -20.69 -6.94 -23.11
C ARG A 211 -19.91 -7.83 -24.06
N ASN A 212 -19.66 -9.06 -23.64
CA ASN A 212 -18.95 -10.08 -24.41
C ASN A 212 -17.48 -9.75 -24.65
N VAL A 213 -16.88 -8.86 -23.85
CA VAL A 213 -15.45 -8.57 -23.99
C VAL A 213 -14.73 -8.53 -22.65
N GLY A 214 -15.18 -7.68 -21.76
CA GLY A 214 -14.44 -7.48 -20.54
C GLY A 214 -14.67 -6.08 -20.02
N TYR A 215 -13.67 -5.56 -19.30
CA TYR A 215 -13.83 -4.27 -18.64
C TYR A 215 -12.75 -3.29 -19.11
N LYS A 216 -13.00 -2.01 -18.81
CA LYS A 216 -12.08 -0.94 -19.14
C LYS A 216 -12.34 0.25 -18.22
N PHE A 217 -11.26 0.95 -17.88
CA PHE A 217 -11.35 2.20 -17.14
C PHE A 217 -11.88 3.30 -18.06
N VAL A 218 -12.83 4.10 -17.56
CA VAL A 218 -13.49 5.10 -18.37
C VAL A 218 -13.07 6.47 -17.86
N ARG A 219 -12.33 7.20 -18.67
CA ARG A 219 -11.85 8.50 -18.26
C ARG A 219 -13.03 9.44 -18.05
N PRO A 220 -13.09 10.15 -16.92
CA PRO A 220 -14.05 11.25 -16.81
C PRO A 220 -13.76 12.27 -17.91
N SER A 221 -14.77 13.05 -18.26
CA SER A 221 -14.63 14.11 -19.23
C SER A 221 -13.62 15.18 -18.78
N VAL B 127 9.88 13.80 12.53
CA VAL B 127 10.24 14.24 13.87
C VAL B 127 9.00 14.69 14.65
N GLY B 128 7.86 14.08 14.34
CA GLY B 128 6.62 14.57 14.87
C GLY B 128 6.31 14.07 16.26
N ASP B 129 7.11 14.54 17.21
CA ASP B 129 7.26 14.05 18.57
C ASP B 129 8.39 13.07 18.66
N LEU B 130 8.94 12.68 17.53
CA LEU B 130 9.92 11.63 17.53
C LEU B 130 11.27 12.09 17.02
N VAL B 131 12.28 11.88 17.87
CA VAL B 131 13.64 12.27 17.56
C VAL B 131 14.53 11.04 17.54
N ILE B 132 15.18 10.80 16.41
CA ILE B 132 16.09 9.68 16.31
C ILE B 132 17.51 10.19 16.21
N GLU B 133 18.38 9.75 17.11
CA GLU B 133 19.77 10.19 17.05
C GLU B 133 20.69 9.17 16.48
N GLU B 134 21.30 9.46 15.36
CA GLU B 134 22.04 8.45 14.65
C GLU B 134 23.23 7.77 15.29
N SER B 135 24.23 8.54 15.68
CA SER B 135 25.45 7.97 16.16
C SER B 135 25.29 7.39 17.53
N THR B 136 24.40 7.94 18.27
CA THR B 136 24.03 7.41 19.59
C THR B 136 23.18 6.15 19.48
N TYR B 137 22.60 5.87 18.30
CA TYR B 137 21.70 4.73 18.08
C TYR B 137 20.54 4.70 19.08
N THR B 138 19.94 5.86 19.29
CA THR B 138 18.86 6.01 20.23
C THR B 138 17.70 6.76 19.58
N ALA B 139 16.54 6.67 20.21
CA ALA B 139 15.40 7.45 19.82
C ALA B 139 14.64 7.96 21.03
N ARG B 140 14.10 9.17 20.92
CA ARG B 140 13.24 9.72 21.95
C ARG B 140 11.88 10.07 21.35
N LEU B 141 10.83 9.85 22.12
CA LEU B 141 9.47 10.09 21.68
C LEU B 141 8.98 11.02 22.75
N LYS B 142 9.53 12.22 22.67
CA LYS B 142 9.67 13.18 23.75
C LYS B 142 10.51 12.55 24.84
N ALA B 145 11.82 8.48 26.19
CA ALA B 145 13.21 8.14 25.92
C ALA B 145 13.24 6.69 25.51
N LEU B 146 12.84 6.38 24.28
CA LEU B 146 12.63 4.98 23.91
C LEU B 146 13.91 4.15 24.06
N GLU B 147 13.79 2.96 24.64
CA GLU B 147 14.95 2.09 24.74
C GLU B 147 14.68 1.02 23.70
N LEU B 148 15.51 0.94 22.68
CA LEU B 148 15.24 0.10 21.55
C LEU B 148 16.47 -0.76 21.30
N THR B 149 16.28 -1.88 20.65
CA THR B 149 17.41 -2.71 20.26
C THR B 149 18.00 -2.16 18.97
N TYR B 150 19.16 -2.68 18.57
CA TYR B 150 19.78 -2.17 17.35
C TYR B 150 18.88 -2.42 16.14
N LYS B 151 18.31 -3.63 16.03
CA LYS B 151 17.46 -3.92 14.88
C LYS B 151 16.17 -3.12 14.93
N GLU B 152 15.57 -2.97 16.14
CA GLU B 152 14.38 -2.14 16.26
C GLU B 152 14.68 -0.69 15.86
N PHE B 153 15.90 -0.21 16.12
CA PHE B 153 16.26 1.17 15.78
C PHE B 153 16.58 1.30 14.29
N GLU B 154 17.30 0.35 13.73
CA GLU B 154 17.53 0.36 12.30
C GLU B 154 16.20 0.31 11.55
N LEU B 155 15.24 -0.46 12.06
CA LEU B 155 13.96 -0.57 11.36
C LEU B 155 13.14 0.71 11.48
N LEU B 156 13.16 1.36 12.65
CA LEU B 156 12.40 2.59 12.85
C LEU B 156 12.98 3.72 12.03
N LYS B 157 14.31 3.84 12.04
CA LYS B 157 15.00 4.86 11.26
C LYS B 157 14.71 4.73 9.77
N TYR B 158 14.87 3.53 9.22
CA TYR B 158 14.63 3.38 7.80
C TYR B 158 13.16 3.60 7.45
N LEU B 159 12.23 3.28 8.35
CA LEU B 159 10.83 3.58 8.07
C LEU B 159 10.54 5.06 8.18
N ALA B 160 11.20 5.77 9.11
CA ALA B 160 10.96 7.19 9.29
C ALA B 160 11.78 8.05 8.33
N GLN B 161 12.92 7.55 7.85
CA GLN B 161 13.65 8.29 6.84
C GLN B 161 12.97 8.23 5.48
N HIS B 162 11.98 7.35 5.31
CA HIS B 162 11.21 7.26 4.08
C HIS B 162 9.72 7.34 4.37
N ALA B 163 9.34 8.21 5.31
CA ALA B 163 7.99 8.23 5.87
C ALA B 163 6.94 8.24 4.77
N GLY B 164 5.83 7.57 5.05
CA GLY B 164 4.74 7.43 4.10
C GLY B 164 4.95 6.33 3.08
N ARG B 165 6.18 5.93 2.78
CA ARG B 165 6.40 4.88 1.78
C ARG B 165 6.33 3.50 2.42
N VAL B 166 5.65 2.57 1.72
CA VAL B 166 5.50 1.20 2.22
C VAL B 166 6.65 0.37 1.69
N PHE B 167 7.18 -0.51 2.55
CA PHE B 167 8.30 -1.36 2.19
C PHE B 167 7.92 -2.79 2.44
N THR B 168 8.36 -3.67 1.54
CA THR B 168 8.04 -5.07 1.67
C THR B 168 8.94 -5.69 2.74
N ARG B 169 8.80 -7.01 2.94
CA ARG B 169 9.67 -7.69 3.88
C ARG B 169 11.00 -8.04 3.23
N ALA B 170 10.97 -8.39 1.94
CA ALA B 170 12.21 -8.57 1.19
C ALA B 170 13.04 -7.29 1.23
N GLN B 171 12.39 -6.15 1.00
CA GLN B 171 13.07 -4.87 1.07
C GLN B 171 13.70 -4.64 2.43
N LEU B 172 12.88 -4.67 3.49
CA LEU B 172 13.36 -4.38 4.84
C LEU B 172 14.36 -5.42 5.32
N LEU B 173 14.28 -6.65 4.77
CA LEU B 173 15.27 -7.68 5.12
C LEU B 173 16.62 -7.37 4.49
N GLN B 174 16.65 -6.97 3.21
CA GLN B 174 17.95 -6.69 2.61
C GLN B 174 18.48 -5.34 3.04
N GLU B 175 17.61 -4.34 3.16
CA GLU B 175 18.06 -3.03 3.63
C GLU B 175 18.42 -3.06 5.10
N VAL B 176 17.49 -3.43 5.99
CA VAL B 176 17.73 -3.29 7.43
C VAL B 176 18.49 -4.50 7.99
N TRP B 177 18.12 -5.71 7.59
CA TRP B 177 18.89 -6.89 7.97
C TRP B 177 19.96 -7.11 6.92
N GLY B 178 21.00 -7.85 7.28
CA GLY B 178 21.96 -8.23 6.25
C GLY B 178 21.46 -9.41 5.46
N TYR B 179 20.52 -10.15 6.01
CA TYR B 179 20.14 -11.43 5.52
C TYR B 179 18.92 -11.54 4.67
N ASP B 180 18.92 -12.52 3.80
CA ASP B 180 17.71 -12.90 3.10
C ASP B 180 17.28 -14.23 3.60
N PHE B 181 16.43 -14.22 4.58
CA PHE B 181 15.93 -15.41 5.07
C PHE B 181 14.90 -15.74 4.04
N GLY B 184 12.03 -18.31 4.58
CA GLY B 184 11.08 -17.35 5.13
C GLY B 184 11.26 -17.06 6.60
N THR B 185 10.97 -15.84 7.00
CA THR B 185 11.13 -15.43 8.38
C THR B 185 10.00 -14.53 8.78
N ARG B 186 9.75 -14.43 10.07
CA ARG B 186 8.72 -13.55 10.60
C ARG B 186 9.30 -12.58 11.60
N THR B 187 10.59 -12.34 11.47
CA THR B 187 11.31 -11.37 12.28
C THR B 187 10.95 -9.89 12.04
N VAL B 188 10.56 -9.54 10.84
CA VAL B 188 10.10 -8.18 10.58
C VAL B 188 8.81 -7.93 11.35
N ASP B 189 7.83 -8.84 11.18
CA ASP B 189 6.56 -8.71 11.90
C ASP B 189 6.80 -8.68 13.42
N VAL B 190 7.78 -9.44 13.90
CA VAL B 190 8.07 -9.47 15.33
C VAL B 190 8.71 -8.16 15.77
N HIS B 191 9.65 -7.69 15.01
CA HIS B 191 10.22 -6.42 15.29
C HIS B 191 9.22 -5.17 15.30
N VAL B 192 8.26 -5.16 14.40
CA VAL B 192 7.28 -4.16 14.36
C VAL B 192 6.53 -4.14 15.69
N ARG B 193 6.15 -5.32 16.14
CA ARG B 193 5.51 -5.48 17.37
C ARG B 193 6.31 -5.03 18.55
N ARG B 194 7.57 -5.38 18.65
CA ARG B 194 8.34 -4.91 19.74
C ARG B 194 8.42 -3.40 19.68
N LEU B 195 8.62 -2.88 18.47
CA LEU B 195 8.68 -1.46 18.23
C LEU B 195 7.37 -0.79 18.64
N ARG B 196 6.27 -1.36 18.24
CA ARG B 196 5.00 -0.78 18.47
C ARG B 196 4.76 -0.67 19.97
N ALA B 197 5.16 -1.70 20.70
CA ALA B 197 4.93 -1.75 22.13
C ALA B 197 5.62 -0.67 22.92
N LYS B 198 6.85 -0.38 22.55
CA LYS B 198 7.63 0.67 23.15
C LYS B 198 7.04 2.05 22.92
N LEU B 199 6.49 2.28 21.74
CA LEU B 199 5.85 3.53 21.40
C LEU B 199 4.64 3.79 22.29
N GLY B 200 3.90 2.75 22.65
CA GLY B 200 2.74 2.94 23.49
C GLY B 200 1.49 3.13 22.66
N PRO B 201 0.32 3.02 23.29
CA PRO B 201 -0.93 3.19 22.53
C PRO B 201 -1.14 4.61 22.01
N GLU B 202 -0.26 5.55 22.39
CA GLU B 202 -0.31 6.89 21.82
C GLU B 202 0.27 6.91 20.42
N TYR B 203 1.48 6.36 20.23
CA TYR B 203 2.21 6.51 18.99
C TYR B 203 2.38 5.19 18.21
N ASP B 204 1.74 4.10 18.64
CA ASP B 204 1.88 2.84 17.93
C ASP B 204 1.30 2.90 16.53
N SER B 205 0.44 3.90 16.24
CA SER B 205 -0.06 4.10 14.89
C SER B 205 1.02 4.58 13.94
N MET B 206 2.14 5.08 14.47
CA MET B 206 3.20 5.61 13.63
C MET B 206 3.75 4.58 12.66
N ILE B 207 3.51 3.30 12.90
CA ILE B 207 3.93 2.24 12.01
C ILE B 207 2.67 1.56 11.53
N GLY B 208 2.38 1.69 10.24
CA GLY B 208 1.18 1.16 9.65
C GLY B 208 1.45 -0.17 8.97
N THR B 209 0.42 -0.98 8.89
CA THR B 209 0.48 -2.26 8.23
C THR B 209 -0.32 -2.19 6.94
N VAL B 210 0.25 -2.69 5.85
CA VAL B 210 -0.41 -2.71 4.54
C VAL B 210 -0.49 -4.18 4.15
N ARG B 211 -1.68 -4.77 4.30
CA ARG B 211 -1.83 -6.22 4.14
C ARG B 211 -1.33 -6.69 2.77
N ASN B 212 -0.58 -7.80 2.80
CA ASN B 212 0.06 -8.44 1.64
C ASN B 212 1.14 -7.60 1.00
N VAL B 213 1.60 -6.54 1.67
CA VAL B 213 2.63 -5.69 1.09
C VAL B 213 3.79 -5.52 2.06
N GLY B 214 3.50 -5.06 3.26
CA GLY B 214 4.55 -4.74 4.22
C GLY B 214 4.10 -3.67 5.19
N TYR B 215 5.06 -2.87 5.63
CA TYR B 215 4.89 -1.88 6.66
C TYR B 215 5.41 -0.55 6.19
N LYS B 216 4.94 0.49 6.88
CA LYS B 216 5.32 1.86 6.64
C LYS B 216 5.23 2.77 7.86
N PHE B 217 6.07 3.79 7.89
CA PHE B 217 5.94 4.86 8.85
C PHE B 217 4.74 5.75 8.52
N VAL B 218 3.94 6.09 9.51
CA VAL B 218 2.79 6.98 9.29
C VAL B 218 3.02 8.31 10.02
N ARG B 219 2.86 9.41 9.29
CA ARG B 219 3.08 10.74 9.81
C ARG B 219 1.85 11.26 10.53
N PRO B 220 2.02 11.64 11.78
CA PRO B 220 0.91 12.07 12.63
C PRO B 220 -0.07 12.99 11.91
#